data_7Q1S
#
_entry.id   7Q1S
#
_cell.length_a   59.196
_cell.length_b   62.457
_cell.length_c   64.557
_cell.angle_alpha   90.000
_cell.angle_beta   111.210
_cell.angle_gamma   90.000
#
_symmetry.space_group_name_H-M   'P 1 21 1'
#
loop_
_entity.id
_entity.type
_entity.pdbx_description
1 polymer apCC-Di-B_var
2 polymer apCC-Di-A_var
3 non-polymer 1,2-ETHANEDIOL
4 water water
#
loop_
_entity_poly.entity_id
_entity_poly.type
_entity_poly.pdbx_seq_one_letter_code
_entity_poly.pdbx_strand_id
1 'polypeptide(L)' (ACE)GQLKQRLAALDQRIAALKQRRAALKWQIQG(NH2) F,L,J,D,N,H,B
2 'polypeptide(L)' (ACE)GQLEQELAALDQEIAALEQERAALEWQIQG(NH2) E,K,I,C,M,G,A
#
# COMPACT_ATOMS: atom_id res chain seq x y z
N GLY A 2 7.56 2.52 8.83
CA GLY A 2 6.30 3.22 8.94
C GLY A 2 5.44 3.18 7.68
N GLN A 3 5.96 2.56 6.62
CA GLN A 3 5.21 2.52 5.37
C GLN A 3 3.87 1.82 5.55
N LEU A 4 3.83 0.76 6.36
CA LEU A 4 2.57 0.06 6.58
C LEU A 4 1.61 0.89 7.43
N LYS A 5 2.14 1.61 8.43
CA LYS A 5 1.29 2.49 9.21
C LYS A 5 0.64 3.56 8.33
N GLN A 6 1.41 4.10 7.37
CA GLN A 6 0.86 5.14 6.50
C GLN A 6 -0.19 4.57 5.55
N ARG A 7 0.01 3.34 5.07
CA ARG A 7 -1.03 2.69 4.28
C ARG A 7 -2.30 2.57 5.09
N LEU A 8 -2.20 2.12 6.34
CA LEU A 8 -3.37 1.90 7.18
C LEU A 8 -4.07 3.22 7.44
N ALA A 9 -3.30 4.26 7.77
CA ALA A 9 -3.89 5.57 8.03
C ALA A 9 -4.65 6.07 6.80
N ALA A 10 -4.03 5.95 5.63
CA ALA A 10 -4.67 6.42 4.40
C ALA A 10 -5.92 5.60 4.10
N LEU A 11 -5.87 4.29 4.39
CA LEU A 11 -7.04 3.44 4.23
C LEU A 11 -8.15 3.85 5.18
N ASP A 12 -7.80 4.18 6.43
CA ASP A 12 -8.82 4.63 7.38
CA ASP A 12 -8.82 4.64 7.39
C ASP A 12 -9.48 5.92 6.90
N GLN A 13 -8.69 6.81 6.28
CA GLN A 13 -9.25 8.05 5.79
C GLN A 13 -10.18 7.79 4.61
N ARG A 14 -9.74 6.98 3.65
CA ARG A 14 -10.57 6.73 2.48
C ARG A 14 -11.86 5.99 2.86
N ILE A 15 -11.76 5.03 3.78
CA ILE A 15 -12.95 4.31 4.22
C ILE A 15 -13.90 5.23 4.97
N ALA A 16 -13.37 6.08 5.85
CA ALA A 16 -14.23 6.98 6.60
C ALA A 16 -14.99 7.91 5.66
N ALA A 17 -14.34 8.37 4.59
CA ALA A 17 -15.04 9.26 3.66
C ALA A 17 -16.11 8.50 2.88
N LEU A 18 -15.83 7.25 2.50
CA LEU A 18 -16.82 6.46 1.78
C LEU A 18 -18.02 6.13 2.66
N LYS A 19 -17.81 5.93 3.96
CA LYS A 19 -18.92 5.70 4.88
C LYS A 19 -19.79 6.94 5.02
N GLN A 20 -19.19 8.13 4.90
CA GLN A 20 -19.99 9.34 4.90
C GLN A 20 -20.85 9.41 3.64
N ARG A 21 -20.27 9.10 2.49
CA ARG A 21 -21.06 9.04 1.27
C ARG A 21 -22.20 8.04 1.42
N ARG A 22 -21.89 6.86 1.96
CA ARG A 22 -22.91 5.82 2.11
C ARG A 22 -24.06 6.31 2.99
N ALA A 23 -23.74 6.96 4.11
CA ALA A 23 -24.76 7.51 4.98
C ALA A 23 -25.64 8.52 4.24
N ALA A 24 -25.02 9.31 3.35
CA ALA A 24 -25.82 10.24 2.55
C ALA A 24 -26.69 9.48 1.56
N LEU A 25 -26.14 8.43 0.97
CA LEU A 25 -26.87 7.65 -0.03
C LEU A 25 -28.04 6.91 0.60
N LYS A 26 -27.84 6.34 1.80
CA LYS A 26 -28.94 5.67 2.49
C LYS A 26 -30.09 6.64 2.76
N TRP A 27 -29.77 7.87 3.19
CA TRP A 27 -30.81 8.86 3.42
C TRP A 27 -31.58 9.16 2.14
N GLN A 28 -30.88 9.28 1.00
CA GLN A 28 -31.57 9.47 -0.27
CA GLN A 28 -31.56 9.47 -0.27
C GLN A 28 -32.52 8.32 -0.56
N ILE A 29 -32.07 7.08 -0.32
CA ILE A 29 -32.93 5.94 -0.60
C ILE A 29 -34.23 6.05 0.19
N GLN A 30 -34.17 6.66 1.38
CA GLN A 30 -35.37 6.90 2.18
C GLN A 30 -35.99 8.26 1.90
N GLY A 31 -35.63 8.90 0.78
CA GLY A 31 -36.23 10.16 0.40
C GLY A 31 -35.66 11.34 1.17
N GLY B 2 -33.44 0.31 -8.46
CA GLY B 2 -33.18 1.75 -8.75
C GLY B 2 -31.69 2.05 -8.85
N GLN B 3 -31.35 3.16 -9.51
CA GLN B 3 -29.94 3.53 -9.63
C GLN B 3 -29.30 3.71 -8.26
N LEU B 4 -30.02 4.35 -7.33
CA LEU B 4 -29.46 4.60 -6.00
C LEU B 4 -29.09 3.30 -5.30
N GLU B 5 -29.95 2.28 -5.41
CA GLU B 5 -29.64 0.99 -4.78
C GLU B 5 -28.44 0.32 -5.44
N GLN B 6 -28.27 0.50 -6.75
CA GLN B 6 -27.07 0.00 -7.40
C GLN B 6 -25.81 0.71 -6.92
N GLU B 7 -25.88 2.03 -6.78
CA GLU B 7 -24.72 2.77 -6.25
C GLU B 7 -24.39 2.31 -4.83
N LEU B 8 -25.42 2.09 -4.02
CA LEU B 8 -25.16 1.64 -2.64
C LEU B 8 -24.45 0.29 -2.64
N ALA B 9 -24.82 -0.61 -3.55
CA ALA B 9 -24.14 -1.90 -3.62
C ALA B 9 -22.70 -1.74 -4.09
N ALA B 10 -22.48 -0.89 -5.12
CA ALA B 10 -21.13 -0.65 -5.60
C ALA B 10 -20.29 0.00 -4.51
N LEU B 11 -20.88 0.88 -3.71
CA LEU B 11 -20.16 1.51 -2.62
C LEU B 11 -19.74 0.47 -1.58
N ASP B 12 -20.64 -0.45 -1.22
CA ASP B 12 -20.29 -1.47 -0.25
C ASP B 12 -19.20 -2.40 -0.79
N GLN B 13 -19.27 -2.72 -2.08
CA GLN B 13 -18.20 -3.50 -2.70
C GLN B 13 -16.85 -2.81 -2.54
N GLU B 14 -16.80 -1.50 -2.84
CA GLU B 14 -15.54 -0.76 -2.74
C GLU B 14 -15.04 -0.70 -1.30
N ILE B 15 -15.94 -0.47 -0.36
CA ILE B 15 -15.55 -0.48 1.06
C ILE B 15 -15.01 -1.85 1.44
N ALA B 16 -15.66 -2.92 0.97
CA ALA B 16 -15.20 -4.26 1.30
C ALA B 16 -13.77 -4.48 0.84
N ALA B 17 -13.49 -4.18 -0.44
CA ALA B 17 -12.14 -4.36 -0.96
C ALA B 17 -11.12 -3.60 -0.12
N LEU B 18 -11.45 -2.37 0.30
CA LEU B 18 -10.52 -1.59 1.11
C LEU B 18 -10.37 -2.17 2.51
N GLU B 19 -11.48 -2.64 3.10
CA GLU B 19 -11.41 -3.27 4.42
C GLU B 19 -10.59 -4.55 4.37
N GLN B 20 -10.63 -5.27 3.25
CA GLN B 20 -9.79 -6.46 3.08
C GLN B 20 -8.31 -6.08 3.08
N GLU B 21 -7.94 -5.04 2.33
CA GLU B 21 -6.58 -4.53 2.40
C GLU B 21 -6.20 -4.17 3.85
N ARG B 22 -7.11 -3.47 4.55
CA ARG B 22 -6.85 -3.10 5.92
C ARG B 22 -6.66 -4.34 6.80
N ALA B 23 -7.46 -5.39 6.55
CA ALA B 23 -7.29 -6.63 7.29
C ALA B 23 -5.89 -7.20 7.08
N ALA B 24 -5.47 -7.33 5.82
CA ALA B 24 -4.15 -7.89 5.53
C ALA B 24 -3.06 -7.04 6.17
N LEU B 25 -3.19 -5.72 6.10
CA LEU B 25 -2.21 -4.84 6.74
C LEU B 25 -2.18 -5.05 8.24
N GLU B 26 -3.35 -5.15 8.87
CA GLU B 26 -3.41 -5.35 10.31
C GLU B 26 -2.81 -6.69 10.72
N TRP B 27 -2.67 -7.63 9.80
CA TRP B 27 -1.99 -8.89 10.12
C TRP B 27 -0.48 -8.71 10.07
N GLN B 28 0.01 -8.10 8.99
CA GLN B 28 1.46 -7.95 8.79
C GLN B 28 2.07 -7.06 9.85
N ILE B 29 1.29 -6.11 10.39
CA ILE B 29 1.79 -5.24 11.44
C ILE B 29 1.95 -5.97 12.76
N GLN B 30 1.39 -7.17 12.88
CA GLN B 30 1.61 -8.01 14.04
C GLN B 30 2.83 -8.91 13.90
N GLY B 31 3.37 -9.03 12.70
CA GLY B 31 4.52 -9.88 12.44
C GLY B 31 5.79 -9.09 12.12
N GLY C 2 22.75 7.25 -14.91
CA GLY C 2 21.31 7.46 -15.20
C GLY C 2 20.43 6.33 -14.73
N GLN C 3 20.92 5.10 -14.87
CA GLN C 3 20.17 3.92 -14.46
C GLN C 3 20.39 3.56 -13.00
N LEU C 4 21.06 4.41 -12.24
CA LEU C 4 21.25 4.14 -10.81
C LEU C 4 19.93 4.26 -10.05
N LYS C 5 19.09 5.20 -10.44
CA LYS C 5 17.80 5.34 -9.78
C LYS C 5 16.86 4.21 -10.14
N GLN C 6 17.04 3.60 -11.31
CA GLN C 6 16.22 2.44 -11.66
C GLN C 6 16.67 1.21 -10.88
N ARG C 7 17.98 1.09 -10.61
CA ARG C 7 18.46 -0.01 -9.78
CA ARG C 7 18.46 -0.01 -9.78
C ARG C 7 18.03 0.17 -8.34
N LEU C 8 18.03 1.41 -7.84
CA LEU C 8 17.55 1.65 -6.48
C LEU C 8 16.07 1.36 -6.36
N ALA C 9 15.28 1.75 -7.37
CA ALA C 9 13.85 1.46 -7.33
C ALA C 9 13.60 -0.03 -7.30
N ALA C 10 14.34 -0.78 -8.12
CA ALA C 10 14.20 -2.24 -8.14
C ALA C 10 14.63 -2.85 -6.81
N LEU C 11 15.81 -2.45 -6.30
CA LEU C 11 16.22 -2.91 -4.99
C LEU C 11 15.16 -2.62 -3.94
N ASP C 12 14.57 -1.41 -3.99
CA ASP C 12 13.51 -1.07 -3.03
C ASP C 12 12.34 -2.05 -3.11
N GLN C 13 11.91 -2.37 -4.33
CA GLN C 13 10.79 -3.30 -4.50
C GLN C 13 11.11 -4.67 -3.91
N ARG C 14 12.29 -5.20 -4.22
CA ARG C 14 12.67 -6.52 -3.72
C ARG C 14 12.79 -6.52 -2.21
N ILE C 15 13.36 -5.46 -1.63
CA ILE C 15 13.49 -5.38 -0.18
C ILE C 15 12.11 -5.28 0.45
N ALA C 16 11.22 -4.49 -0.16
CA ALA C 16 9.85 -4.43 0.34
C ALA C 16 9.18 -5.81 0.34
N ALA C 17 9.39 -6.60 -0.74
CA ALA C 17 8.79 -7.92 -0.79
C ALA C 17 9.34 -8.83 0.31
N LEU C 18 10.65 -8.80 0.52
CA LEU C 18 11.26 -9.61 1.57
C LEU C 18 10.70 -9.23 2.95
N LYS C 19 10.41 -7.96 3.16
CA LYS C 19 9.81 -7.55 4.44
C LYS C 19 8.41 -8.13 4.59
N GLN C 20 7.68 -8.27 3.47
CA GLN C 20 6.37 -8.92 3.53
C GLN C 20 6.52 -10.38 3.93
N ARG C 21 7.47 -11.09 3.30
CA ARG C 21 7.74 -12.46 3.73
C ARG C 21 8.10 -12.53 5.20
N ARG C 22 8.96 -11.60 5.65
CA ARG C 22 9.35 -11.58 7.06
C ARG C 22 8.12 -11.48 7.97
N ALA C 23 7.18 -10.62 7.62
CA ALA C 23 5.98 -10.43 8.44
C ALA C 23 5.20 -11.74 8.56
N ALA C 24 5.05 -12.47 7.45
CA ALA C 24 4.38 -13.77 7.51
C ALA C 24 5.13 -14.72 8.43
N LEU C 25 6.42 -14.93 8.16
CA LEU C 25 7.21 -15.81 9.00
C LEU C 25 7.17 -15.37 10.45
N LYS C 26 7.33 -14.06 10.68
CA LYS C 26 7.32 -13.52 12.04
C LYS C 26 6.04 -13.91 12.76
N TRP C 27 4.90 -13.80 12.07
CA TRP C 27 3.62 -14.16 12.70
C TRP C 27 3.50 -15.67 12.89
N GLN C 28 3.97 -16.46 11.91
CA GLN C 28 3.90 -17.91 12.06
C GLN C 28 4.63 -18.37 13.31
N ILE C 29 5.75 -17.72 13.64
CA ILE C 29 6.54 -18.14 14.78
C ILE C 29 5.82 -17.84 16.09
N GLN C 30 5.10 -16.73 16.14
CA GLN C 30 4.37 -16.35 17.34
C GLN C 30 2.89 -16.76 17.23
N GLN D 3 13.07 -23.99 12.42
CA GLN D 3 13.32 -23.88 10.96
C GLN D 3 12.63 -22.63 10.41
N LEU D 4 11.57 -22.13 11.05
CA LEU D 4 10.93 -20.85 10.65
C LEU D 4 11.79 -19.74 11.25
N GLU D 5 12.48 -20.01 12.35
CA GLU D 5 13.42 -19.05 12.99
C GLU D 5 14.70 -19.07 12.17
N GLN D 6 15.05 -20.19 11.54
CA GLN D 6 16.17 -20.25 10.62
C GLN D 6 15.94 -19.34 9.42
N GLU D 7 14.78 -19.52 8.76
CA GLU D 7 14.48 -18.73 7.57
C GLU D 7 14.37 -17.25 7.91
N LEU D 8 13.84 -16.94 9.09
CA LEU D 8 13.72 -15.54 9.49
C LEU D 8 15.09 -14.88 9.59
N ALA D 9 16.01 -15.50 10.34
CA ALA D 9 17.37 -14.99 10.38
C ALA D 9 17.96 -14.88 8.97
N ALA D 10 17.75 -15.91 8.15
CA ALA D 10 18.27 -15.87 6.79
C ALA D 10 17.68 -14.69 6.00
N LEU D 11 16.41 -14.37 6.24
CA LEU D 11 15.82 -13.20 5.58
C LEU D 11 16.53 -11.91 6.00
N ASP D 12 16.78 -11.74 7.30
CA ASP D 12 17.42 -10.51 7.76
C ASP D 12 18.81 -10.36 7.16
N GLN D 13 19.55 -11.45 7.04
CA GLN D 13 20.86 -11.37 6.40
C GLN D 13 20.72 -10.99 4.93
N GLU D 14 19.73 -11.55 4.24
CA GLU D 14 19.56 -11.19 2.83
C GLU D 14 19.19 -9.71 2.70
N ILE D 15 18.28 -9.24 3.54
CA ILE D 15 17.92 -7.83 3.50
C ILE D 15 19.16 -6.98 3.80
N ALA D 16 19.90 -7.36 4.84
CA ALA D 16 21.10 -6.62 5.19
C ALA D 16 22.04 -6.48 4.01
N ALA D 17 22.25 -7.58 3.26
CA ALA D 17 23.14 -7.50 2.10
C ALA D 17 22.59 -6.56 1.03
N LEU D 18 21.25 -6.56 0.85
CA LEU D 18 20.65 -5.69 -0.16
C LEU D 18 20.64 -4.23 0.29
N GLU D 19 20.49 -3.98 1.59
CA GLU D 19 20.60 -2.59 2.09
C GLU D 19 22.02 -2.06 1.93
N GLN D 20 23.02 -2.92 2.04
CA GLN D 20 24.40 -2.48 1.80
C GLN D 20 24.60 -2.09 0.34
N GLU D 21 24.12 -2.92 -0.58
CA GLU D 21 24.15 -2.54 -1.99
C GLU D 21 23.38 -1.25 -2.20
N ARG D 22 22.28 -1.08 -1.47
CA ARG D 22 21.55 0.18 -1.50
C ARG D 22 22.43 1.35 -1.06
N ALA D 23 23.12 1.19 0.07
CA ALA D 23 23.98 2.25 0.55
C ALA D 23 25.06 2.59 -0.48
N ALA D 24 25.63 1.57 -1.12
CA ALA D 24 26.69 1.81 -2.10
C ALA D 24 26.15 2.61 -3.28
N LEU D 25 24.94 2.31 -3.72
CA LEU D 25 24.32 3.09 -4.79
C LEU D 25 24.01 4.51 -4.33
N GLU D 26 23.56 4.66 -3.09
CA GLU D 26 23.23 5.99 -2.58
C GLU D 26 24.46 6.85 -2.36
N TRP D 27 25.64 6.23 -2.20
CA TRP D 27 26.88 6.99 -2.23
C TRP D 27 27.29 7.39 -3.64
N GLN D 28 26.64 6.85 -4.67
CA GLN D 28 26.97 7.13 -6.06
C GLN D 28 26.11 8.24 -6.67
N ILE D 29 25.09 8.69 -5.97
CA ILE D 29 24.16 9.69 -6.51
C ILE D 29 24.92 10.99 -6.75
N GLN E 3 22.68 -1.31 -20.80
CA GLN E 3 21.96 -2.53 -21.16
C GLN E 3 22.00 -3.53 -20.01
N LEU E 4 23.11 -3.54 -19.26
CA LEU E 4 23.28 -4.50 -18.18
C LEU E 4 22.70 -3.97 -16.87
N GLU E 5 22.81 -2.67 -16.63
CA GLU E 5 22.23 -2.11 -15.42
C GLU E 5 20.71 -2.26 -15.42
N GLN E 6 20.07 -2.18 -16.59
CA GLN E 6 18.63 -2.35 -16.66
C GLN E 6 18.23 -3.82 -16.54
N GLU E 7 19.01 -4.72 -17.14
CA GLU E 7 18.73 -6.14 -16.98
C GLU E 7 18.83 -6.55 -15.51
N LEU E 8 19.79 -5.98 -14.79
CA LEU E 8 19.92 -6.24 -13.36
C LEU E 8 18.74 -5.64 -12.59
N ALA E 9 18.25 -4.48 -13.02
CA ALA E 9 17.08 -3.89 -12.37
C ALA E 9 15.84 -4.72 -12.65
N ALA E 10 15.68 -5.19 -13.88
CA ALA E 10 14.53 -6.05 -14.20
C ALA E 10 14.58 -7.34 -13.41
N LEU E 11 15.78 -7.89 -13.19
CA LEU E 11 15.90 -9.08 -12.37
C LEU E 11 15.39 -8.82 -10.96
N ASP E 12 15.83 -7.73 -10.34
CA ASP E 12 15.38 -7.42 -8.98
C ASP E 12 13.86 -7.25 -8.94
N GLN E 13 13.26 -6.72 -10.01
CA GLN E 13 11.81 -6.55 -10.03
C GLN E 13 11.12 -7.90 -10.18
N GLU E 14 11.66 -8.79 -11.02
CA GLU E 14 11.09 -10.12 -11.13
C GLU E 14 11.19 -10.86 -9.80
N ILE E 15 12.36 -10.81 -9.16
CA ILE E 15 12.50 -11.46 -7.86
C ILE E 15 11.48 -10.89 -6.86
N ALA E 16 11.32 -9.57 -6.84
CA ALA E 16 10.36 -8.95 -5.94
C ALA E 16 8.96 -9.49 -6.15
N ALA E 17 8.54 -9.64 -7.41
CA ALA E 17 7.21 -10.17 -7.69
C ALA E 17 7.06 -11.60 -7.16
N LEU E 18 8.10 -12.42 -7.31
CA LEU E 18 8.04 -13.80 -6.85
C LEU E 18 8.11 -13.89 -5.33
N GLU E 19 8.80 -12.94 -4.68
CA GLU E 19 8.83 -12.95 -3.21
C GLU E 19 7.45 -12.54 -2.68
N GLN E 20 6.81 -11.56 -3.34
CA GLN E 20 5.45 -11.20 -2.95
C GLN E 20 4.54 -12.43 -3.00
N GLU E 21 4.63 -13.19 -4.09
CA GLU E 21 3.82 -14.40 -4.20
C GLU E 21 4.18 -15.42 -3.12
N ARG E 22 5.49 -15.56 -2.85
CA ARG E 22 5.91 -16.46 -1.78
C ARG E 22 5.35 -16.00 -0.43
N ALA E 23 5.39 -14.70 -0.16
CA ALA E 23 4.84 -14.19 1.09
C ALA E 23 3.36 -14.51 1.20
N ALA E 24 2.63 -14.37 0.09
CA ALA E 24 1.19 -14.65 0.11
C ALA E 24 0.92 -16.11 0.44
N LEU E 25 1.78 -17.02 -0.04
CA LEU E 25 1.61 -18.44 0.26
C LEU E 25 2.08 -18.78 1.67
N GLU E 26 3.07 -18.07 2.19
CA GLU E 26 3.53 -18.29 3.56
C GLU E 26 2.56 -17.75 4.61
N TRP E 27 1.57 -16.97 4.21
CA TRP E 27 0.51 -16.59 5.15
C TRP E 27 -0.53 -17.70 5.28
N GLN E 28 -0.67 -18.55 4.27
CA GLN E 28 -1.66 -19.61 4.26
C GLN E 28 -1.14 -20.92 4.85
N ILE E 29 0.03 -20.89 5.48
CA ILE E 29 0.53 -22.04 6.23
C ILE E 29 0.31 -21.78 7.71
N GLN E 30 0.30 -22.86 8.49
CA GLN E 30 0.15 -22.77 9.94
C GLN E 30 0.27 -24.14 10.57
N GLY F 2 -0.56 -29.88 0.35
CA GLY F 2 0.42 -30.59 -0.53
C GLY F 2 0.95 -29.70 -1.62
N GLN F 3 0.06 -29.29 -2.54
CA GLN F 3 0.48 -28.41 -3.62
C GLN F 3 1.07 -27.12 -3.10
N LEU F 4 0.59 -26.64 -1.95
CA LEU F 4 1.14 -25.43 -1.36
C LEU F 4 2.63 -25.58 -1.08
N LYS F 5 3.02 -26.70 -0.44
CA LYS F 5 4.43 -26.94 -0.21
C LYS F 5 5.19 -27.01 -1.53
N GLN F 6 4.59 -27.63 -2.55
CA GLN F 6 5.24 -27.70 -3.86
C GLN F 6 5.36 -26.32 -4.49
N ARG F 7 4.30 -25.51 -4.40
CA ARG F 7 4.37 -24.15 -4.95
C ARG F 7 5.50 -23.37 -4.30
N LEU F 8 5.60 -23.42 -2.97
CA LEU F 8 6.67 -22.72 -2.28
C LEU F 8 8.04 -23.26 -2.68
N ALA F 9 8.15 -24.58 -2.83
CA ALA F 9 9.42 -25.17 -3.23
C ALA F 9 9.83 -24.68 -4.62
N ALA F 10 8.88 -24.69 -5.57
CA ALA F 10 9.19 -24.27 -6.93
C ALA F 10 9.55 -22.78 -6.98
N LEU F 11 8.89 -21.97 -6.14
CA LEU F 11 9.25 -20.56 -6.08
C LEU F 11 10.66 -20.40 -5.50
N ASP F 12 10.98 -21.15 -4.44
CA ASP F 12 12.31 -21.02 -3.84
C ASP F 12 13.40 -21.31 -4.87
N GLN F 13 13.19 -22.33 -5.70
CA GLN F 13 14.19 -22.68 -6.71
C GLN F 13 14.21 -21.67 -7.86
N ARG F 14 13.07 -21.10 -8.21
CA ARG F 14 13.09 -20.11 -9.29
C ARG F 14 13.78 -18.83 -8.82
N ILE F 15 13.50 -18.40 -7.59
CA ILE F 15 14.16 -17.24 -7.02
C ILE F 15 15.65 -17.51 -6.85
N ALA F 16 16.01 -18.70 -6.37
CA ALA F 16 17.43 -19.05 -6.26
C ALA F 16 18.11 -19.00 -7.62
N ALA F 17 17.41 -19.41 -8.68
CA ALA F 17 18.00 -19.38 -10.01
C ALA F 17 18.20 -17.95 -10.49
N LEU F 18 17.21 -17.09 -10.26
CA LEU F 18 17.35 -15.68 -10.63
C LEU F 18 18.46 -15.00 -9.83
N LYS F 19 18.63 -15.38 -8.56
CA LYS F 19 19.74 -14.84 -7.78
C LYS F 19 21.08 -15.23 -8.39
N GLN F 20 21.16 -16.46 -8.93
CA GLN F 20 22.40 -16.89 -9.58
CA GLN F 20 22.39 -16.90 -9.58
C GLN F 20 22.69 -16.04 -10.81
N ARG F 21 21.65 -15.73 -11.60
CA ARG F 21 21.84 -14.86 -12.75
C ARG F 21 22.27 -13.48 -12.32
N ARG F 22 21.62 -12.95 -11.27
CA ARG F 22 21.94 -11.63 -10.78
C ARG F 22 23.42 -11.52 -10.42
N ALA F 23 23.95 -12.53 -9.72
CA ALA F 23 25.36 -12.52 -9.35
C ALA F 23 26.24 -12.47 -10.60
N ALA F 24 25.88 -13.23 -11.63
CA ALA F 24 26.62 -13.19 -12.88
C ALA F 24 26.58 -11.79 -13.47
N LEU F 25 25.39 -11.25 -13.69
CA LEU F 25 25.25 -9.93 -14.29
C LEU F 25 25.98 -8.88 -13.48
N LYS F 26 25.71 -8.81 -12.18
CA LYS F 26 26.32 -7.76 -11.36
C LYS F 26 27.84 -7.81 -11.49
N TRP F 27 28.41 -8.99 -11.66
CA TRP F 27 29.85 -9.11 -11.74
C TRP F 27 30.39 -8.73 -13.10
N GLN F 28 29.62 -8.96 -14.18
CA GLN F 28 30.05 -8.47 -15.48
C GLN F 28 30.05 -6.94 -15.50
N ILE F 29 29.07 -6.31 -14.83
CA ILE F 29 28.94 -4.82 -14.76
C ILE F 29 30.17 -4.28 -14.06
N GLN F 30 30.62 -4.95 -13.00
CA GLN F 30 31.76 -4.49 -12.15
C GLN F 30 33.04 -5.16 -12.63
N GLY F 31 33.25 -5.24 -13.94
CA GLY F 31 34.42 -5.90 -14.52
C GLY F 31 34.17 -6.20 -15.98
N GLN G 3 -23.30 24.15 -11.65
CA GLN G 3 -22.22 24.52 -10.74
C GLN G 3 -22.01 23.44 -9.69
N LEU G 4 -23.06 23.15 -8.91
CA LEU G 4 -22.93 22.17 -7.84
C LEU G 4 -22.78 20.76 -8.42
N LYS G 5 -23.62 20.42 -9.40
CA LYS G 5 -23.47 19.12 -10.05
C LYS G 5 -22.24 19.09 -10.96
N GLN G 6 -21.84 20.24 -11.50
CA GLN G 6 -20.61 20.28 -12.30
C GLN G 6 -19.40 19.91 -11.44
N ARG G 7 -19.34 20.43 -10.22
CA ARG G 7 -18.27 20.05 -9.30
C ARG G 7 -18.32 18.56 -9.00
N LEU G 8 -19.51 18.05 -8.69
CA LEU G 8 -19.64 16.63 -8.39
C LEU G 8 -19.21 15.79 -9.58
N ALA G 9 -19.60 16.18 -10.78
CA ALA G 9 -19.17 15.48 -11.98
C ALA G 9 -17.65 15.52 -12.11
N ALA G 10 -17.06 16.70 -11.91
CA ALA G 10 -15.61 16.83 -12.03
C ALA G 10 -14.91 15.94 -11.01
N LEU G 11 -15.43 15.88 -9.78
CA LEU G 11 -14.82 15.03 -8.77
C LEU G 11 -14.96 13.56 -9.14
N ASP G 12 -16.09 13.18 -9.72
CA ASP G 12 -16.27 11.82 -10.19
C ASP G 12 -15.17 11.42 -11.17
N GLN G 13 -14.88 12.31 -12.13
CA GLN G 13 -13.87 12.00 -13.14
C GLN G 13 -12.48 11.92 -12.54
N ARG G 14 -12.17 12.80 -11.59
CA ARG G 14 -10.83 12.79 -11.00
C ARG G 14 -10.66 11.58 -10.08
N ILE G 15 -11.68 11.24 -9.31
CA ILE G 15 -11.61 10.08 -8.45
C ILE G 15 -11.45 8.80 -9.28
N ALA G 16 -12.26 8.66 -10.34
CA ALA G 16 -12.14 7.49 -11.20
C ALA G 16 -10.75 7.41 -11.82
N ALA G 17 -10.17 8.55 -12.18
CA ALA G 17 -8.83 8.55 -12.76
C ALA G 17 -7.78 8.13 -11.73
N LEU G 18 -7.94 8.58 -10.48
CA LEU G 18 -6.97 8.23 -9.45
C LEU G 18 -7.08 6.75 -9.10
N LYS G 19 -8.29 6.21 -9.07
CA LYS G 19 -8.46 4.78 -8.82
C LYS G 19 -7.84 3.95 -9.94
N GLN G 20 -7.81 4.47 -11.18
CA GLN G 20 -7.12 3.77 -12.25
C GLN G 20 -5.62 3.77 -12.02
N ARG G 21 -5.06 4.91 -11.63
CA ARG G 21 -3.66 4.93 -11.22
C ARG G 21 -3.42 4.00 -10.03
N ARG G 22 -4.32 4.04 -9.05
CA ARG G 22 -4.17 3.24 -7.85
C ARG G 22 -4.15 1.75 -8.20
N ALA G 23 -5.06 1.31 -9.09
CA ALA G 23 -5.08 -0.08 -9.50
C ALA G 23 -3.79 -0.46 -10.21
N ALA G 24 -3.27 0.41 -11.07
CA ALA G 24 -2.04 0.11 -11.78
C ALA G 24 -0.86 0.02 -10.82
N LEU G 25 -0.89 0.80 -9.74
CA LEU G 25 0.21 0.75 -8.78
C LEU G 25 0.19 -0.56 -8.01
N LYS G 26 -0.99 -1.03 -7.59
CA LYS G 26 -1.08 -2.30 -6.88
C LYS G 26 -0.58 -3.45 -7.75
N TRP G 27 -0.90 -3.44 -9.04
CA TRP G 27 -0.39 -4.47 -9.94
C TRP G 27 1.13 -4.43 -10.01
N GLN G 28 1.71 -3.23 -9.98
CA GLN G 28 3.16 -3.12 -9.98
C GLN G 28 3.77 -3.72 -8.71
N ILE G 29 3.11 -3.51 -7.57
CA ILE G 29 3.60 -4.10 -6.33
C ILE G 29 3.38 -5.60 -6.33
N GLN G 30 2.24 -6.05 -6.87
CA GLN G 30 1.90 -7.46 -6.94
C GLN G 30 2.46 -8.13 -8.18
N GLY G 31 3.58 -7.64 -8.71
CA GLY G 31 4.18 -8.22 -9.90
C GLY G 31 3.64 -7.65 -11.19
N GLY H 2 8.37 0.05 1.23
CA GLY H 2 9.18 0.71 0.21
C GLY H 2 8.49 1.92 -0.36
N GLN H 3 9.09 2.54 -1.36
CA GLN H 3 8.58 3.77 -1.99
C GLN H 3 7.23 3.52 -2.65
N LEU H 4 7.00 2.39 -3.30
CA LEU H 4 5.73 2.15 -4.05
C LEU H 4 4.59 2.08 -3.04
N GLU H 5 4.79 1.50 -1.87
CA GLU H 5 3.77 1.43 -0.83
C GLU H 5 3.42 2.82 -0.31
N GLN H 6 4.43 3.69 -0.15
CA GLN H 6 4.17 5.06 0.26
C GLN H 6 3.36 5.79 -0.80
N GLU H 7 3.67 5.52 -2.07
CA GLU H 7 2.92 6.17 -3.15
C GLU H 7 1.47 5.72 -3.14
N LEU H 8 1.23 4.44 -2.84
CA LEU H 8 -0.14 3.95 -2.71
C LEU H 8 -0.85 4.67 -1.56
N ALA H 9 -0.17 4.83 -0.43
CA ALA H 9 -0.76 5.57 0.69
C ALA H 9 -1.05 7.01 0.30
N ALA H 10 -0.16 7.61 -0.50
CA ALA H 10 -0.38 9.00 -0.94
C ALA H 10 -1.62 9.09 -1.83
N LEU H 11 -1.80 8.12 -2.73
CA LEU H 11 -3.00 8.11 -3.57
C LEU H 11 -4.25 7.92 -2.72
N ASP H 12 -4.22 7.02 -1.74
CA ASP H 12 -5.39 6.80 -0.89
C ASP H 12 -5.73 8.06 -0.11
N GLN H 13 -4.72 8.84 0.27
CA GLN H 13 -4.97 10.06 1.03
C GLN H 13 -5.58 11.13 0.14
N GLU H 14 -5.14 11.22 -1.11
CA GLU H 14 -5.73 12.15 -2.05
C GLU H 14 -7.16 11.76 -2.41
N ILE H 15 -7.38 10.47 -2.68
CA ILE H 15 -8.74 10.00 -2.96
C ILE H 15 -9.65 10.29 -1.79
N ALA H 16 -9.19 10.01 -0.56
CA ALA H 16 -10.00 10.27 0.63
C ALA H 16 -10.44 11.72 0.69
N ALA H 17 -9.50 12.65 0.45
CA ALA H 17 -9.82 14.07 0.49
C ALA H 17 -10.91 14.41 -0.54
N LEU H 18 -10.73 13.94 -1.78
CA LEU H 18 -11.72 14.22 -2.80
C LEU H 18 -13.05 13.56 -2.45
N GLU H 19 -13.01 12.32 -1.98
CA GLU H 19 -14.24 11.64 -1.56
C GLU H 19 -14.93 12.44 -0.45
N GLN H 20 -14.16 13.03 0.46
CA GLN H 20 -14.77 13.82 1.52
C GLN H 20 -15.47 15.05 0.96
N GLU H 21 -14.87 15.69 -0.05
CA GLU H 21 -15.55 16.80 -0.74
C GLU H 21 -16.82 16.32 -1.42
N ARG H 22 -16.74 15.19 -2.11
CA ARG H 22 -17.92 14.66 -2.80
C ARG H 22 -19.04 14.35 -1.82
N ALA H 23 -18.69 13.84 -0.64
CA ALA H 23 -19.72 13.53 0.36
C ALA H 23 -20.46 14.80 0.77
N ALA H 24 -19.71 15.88 1.03
CA ALA H 24 -20.34 17.13 1.42
C ALA H 24 -21.26 17.66 0.34
N LEU H 25 -20.86 17.51 -0.93
CA LEU H 25 -21.69 17.99 -2.02
C LEU H 25 -22.94 17.13 -2.20
N GLU H 26 -22.82 15.82 -2.03
CA GLU H 26 -23.98 14.94 -2.11
C GLU H 26 -24.91 15.10 -0.91
N TRP H 27 -24.40 15.62 0.21
CA TRP H 27 -25.27 15.98 1.32
C TRP H 27 -25.91 17.35 1.09
N GLN H 28 -25.12 18.32 0.63
CA GLN H 28 -25.64 19.67 0.40
C GLN H 28 -26.70 19.67 -0.69
N ILE H 29 -26.53 18.84 -1.72
CA ILE H 29 -27.47 18.82 -2.84
C ILE H 29 -28.87 18.46 -2.37
N GLN H 30 -29.01 17.91 -1.17
CA GLN H 30 -30.31 17.54 -0.63
C GLN H 30 -30.53 18.12 0.75
N GLY I 2 13.50 17.67 0.50
CA GLY I 2 12.27 17.07 1.08
C GLY I 2 12.34 15.56 1.18
N GLN I 3 12.50 14.91 0.03
CA GLN I 3 12.52 13.44 0.00
C GLN I 3 13.61 12.90 0.92
N LEU I 4 14.84 13.39 0.77
CA LEU I 4 15.97 12.86 1.53
C LEU I 4 15.66 12.85 3.02
N GLU I 5 15.13 13.96 3.54
CA GLU I 5 14.87 14.05 4.96
C GLU I 5 13.72 13.15 5.38
N GLN I 6 12.76 12.91 4.48
CA GLN I 6 11.73 11.93 4.77
C GLN I 6 12.31 10.52 4.84
N GLU I 7 13.15 10.15 3.86
CA GLU I 7 13.83 8.87 3.92
C GLU I 7 14.63 8.75 5.21
N LEU I 8 15.27 9.84 5.65
CA LEU I 8 15.98 9.82 6.92
C LEU I 8 15.02 9.52 8.08
N ALA I 9 13.88 10.18 8.10
CA ALA I 9 12.89 9.89 9.14
C ALA I 9 12.42 8.45 9.07
N ALA I 10 12.15 7.95 7.87
CA ALA I 10 11.71 6.58 7.69
C ALA I 10 12.80 5.59 8.10
N LEU I 11 14.06 5.89 7.77
CA LEU I 11 15.16 5.03 8.20
C LEU I 11 15.18 4.92 9.72
N ASP I 12 15.09 6.06 10.43
CA ASP I 12 15.10 6.01 11.89
C ASP I 12 13.89 5.27 12.42
N GLN I 13 12.74 5.41 11.74
CA GLN I 13 11.55 4.67 12.14
C GLN I 13 11.79 3.17 12.03
N GLU I 14 12.34 2.73 10.89
CA GLU I 14 12.59 1.31 10.70
C GLU I 14 13.62 0.81 11.72
N ILE I 15 14.66 1.61 11.97
CA ILE I 15 15.71 1.17 12.89
C ILE I 15 15.16 1.05 14.30
N ALA I 16 14.29 1.98 14.70
CA ALA I 16 13.69 1.92 16.04
C ALA I 16 12.89 0.62 16.22
N ALA I 17 12.15 0.22 15.19
CA ALA I 17 11.37 -1.01 15.30
C ALA I 17 12.28 -2.23 15.40
N LEU I 18 13.31 -2.29 14.55
CA LEU I 18 14.26 -3.39 14.62
C LEU I 18 14.98 -3.41 15.97
N GLU I 19 15.32 -2.24 16.50
CA GLU I 19 15.99 -2.17 17.80
C GLU I 19 15.07 -2.66 18.92
N GLN I 20 13.79 -2.32 18.85
CA GLN I 20 12.83 -2.84 19.82
C GLN I 20 12.76 -4.37 19.74
N GLU I 21 12.73 -4.91 18.51
CA GLU I 21 12.75 -6.36 18.36
C GLU I 21 14.05 -6.94 18.88
N ARG I 22 15.16 -6.23 18.71
CA ARG I 22 16.43 -6.71 19.26
C ARG I 22 16.42 -6.69 20.78
N ALA I 23 15.76 -5.71 21.40
CA ALA I 23 15.69 -5.66 22.85
C ALA I 23 14.85 -6.82 23.38
N ALA I 24 13.79 -7.18 22.67
CA ALA I 24 12.98 -8.33 23.06
C ALA I 24 13.80 -9.61 22.99
N LEU I 25 14.51 -9.82 21.88
CA LEU I 25 15.39 -10.97 21.76
C LEU I 25 16.42 -10.98 22.87
N GLU I 26 17.09 -9.84 23.09
CA GLU I 26 18.13 -9.77 24.11
C GLU I 26 17.57 -10.05 25.50
N TRP I 27 16.29 -9.75 25.74
CA TRP I 27 15.69 -10.08 27.02
C TRP I 27 15.24 -11.54 27.05
N GLN I 28 14.56 -11.99 26.00
CA GLN I 28 14.11 -13.39 25.94
C GLN I 28 15.28 -14.36 26.10
N ILE I 29 16.47 -13.98 25.61
CA ILE I 29 17.66 -14.81 25.82
C ILE I 29 18.07 -14.77 27.29
N GLN I 30 17.95 -13.61 27.91
CA GLN I 30 18.31 -13.42 29.31
C GLN I 30 17.15 -13.68 30.26
N GLY I 31 16.16 -14.45 29.83
CA GLY I 31 14.96 -14.68 30.62
C GLY I 31 13.83 -15.29 29.82
N GLY J 2 20.09 -21.13 21.04
CA GLY J 2 20.87 -20.74 19.88
C GLY J 2 20.07 -20.08 18.79
N GLN J 3 18.82 -20.54 18.62
CA GLN J 3 17.95 -19.96 17.60
C GLN J 3 17.77 -18.46 17.83
N LEU J 4 17.70 -18.03 19.09
CA LEU J 4 17.55 -16.61 19.38
C LEU J 4 18.85 -15.86 19.09
N LYS J 5 19.99 -16.46 19.40
CA LYS J 5 21.27 -15.83 19.11
C LYS J 5 21.47 -15.67 17.61
N GLN J 6 21.03 -16.64 16.82
CA GLN J 6 21.14 -16.53 15.37
C GLN J 6 20.33 -15.35 14.86
N ARG J 7 19.07 -15.27 15.28
CA ARG J 7 18.23 -14.14 14.88
CA ARG J 7 18.23 -14.14 14.90
C ARG J 7 18.84 -12.83 15.34
N LEU J 8 19.43 -12.80 16.53
CA LEU J 8 20.08 -11.58 17.01
C LEU J 8 21.23 -11.20 16.07
N ALA J 9 22.08 -12.16 15.72
CA ALA J 9 23.19 -11.86 14.83
C ALA J 9 22.69 -11.28 13.50
N ALA J 10 21.72 -11.95 12.88
CA ALA J 10 21.21 -11.48 11.59
C ALA J 10 20.57 -10.10 11.72
N LEU J 11 19.93 -9.82 12.85
CA LEU J 11 19.30 -8.53 13.04
C LEU J 11 20.33 -7.43 13.21
N ASP J 12 21.46 -7.75 13.87
CA ASP J 12 22.55 -6.79 14.01
C ASP J 12 23.11 -6.41 12.65
N GLN J 13 23.25 -7.39 11.74
CA GLN J 13 23.71 -7.11 10.40
C GLN J 13 22.78 -6.16 9.67
N ARG J 14 21.47 -6.45 9.73
CA ARG J 14 20.52 -5.60 9.04
C ARG J 14 20.53 -4.19 9.61
N ILE J 15 20.57 -4.07 10.94
CA ILE J 15 20.57 -2.75 11.55
C ILE J 15 21.85 -2.00 11.17
N ALA J 16 22.99 -2.68 11.22
CA ALA J 16 24.24 -2.05 10.81
C ALA J 16 24.14 -1.50 9.39
N ALA J 17 23.64 -2.31 8.47
CA ALA J 17 23.54 -1.89 7.08
C ALA J 17 22.61 -0.70 6.95
N LEU J 18 21.51 -0.68 7.70
CA LEU J 18 20.63 0.47 7.67
C LEU J 18 21.33 1.73 8.21
N LYS J 19 22.15 1.58 9.25
CA LYS J 19 22.86 2.73 9.80
C LYS J 19 23.93 3.22 8.85
N GLN J 20 24.55 2.32 8.08
CA GLN J 20 25.44 2.77 7.02
C GLN J 20 24.67 3.59 5.99
N ARG J 21 23.47 3.13 5.62
CA ARG J 21 22.63 3.91 4.71
C ARG J 21 22.33 5.28 5.30
N ARG J 22 21.95 5.32 6.58
CA ARG J 22 21.61 6.59 7.21
C ARG J 22 22.79 7.56 7.17
N ALA J 23 24.01 7.05 7.40
CA ALA J 23 25.19 7.88 7.31
C ALA J 23 25.34 8.49 5.92
N ALA J 24 25.06 7.69 4.88
CA ALA J 24 25.13 8.20 3.53
C ALA J 24 24.10 9.30 3.31
N LEU J 25 22.85 9.04 3.69
CA LEU J 25 21.80 10.05 3.52
C LEU J 25 22.08 11.30 4.33
N LYS J 26 22.68 11.15 5.52
CA LYS J 26 22.97 12.31 6.35
C LYS J 26 24.03 13.20 5.73
N TRP J 27 24.93 12.66 4.90
CA TRP J 27 25.96 13.45 4.18
C TRP J 27 25.31 14.16 2.99
N GLN J 28 24.46 13.47 2.24
CA GLN J 28 23.76 14.06 1.07
C GLN J 28 22.95 15.27 1.53
N ILE J 29 22.34 15.22 2.73
CA ILE J 29 21.55 16.33 3.33
C ILE J 29 22.51 17.48 3.70
N GLN J 30 23.62 17.21 4.39
CA GLN J 30 24.60 18.22 4.80
C GLN J 30 25.68 18.44 3.75
N GLY J 31 25.33 18.47 2.47
CA GLY J 31 26.32 18.61 1.42
C GLY J 31 25.90 17.93 0.13
N GLN K 3 -30.80 -5.95 -7.99
CA GLN K 3 -30.85 -4.95 -6.93
C GLN K 3 -30.64 -5.61 -5.57
N LEU K 4 -31.59 -6.47 -5.20
CA LEU K 4 -31.49 -7.15 -3.91
C LEU K 4 -30.29 -8.07 -3.84
N LYS K 5 -30.04 -8.84 -4.90
CA LYS K 5 -28.96 -9.85 -4.89
C LYS K 5 -27.61 -9.15 -4.90
N GLN K 6 -27.50 -8.00 -5.56
CA GLN K 6 -26.23 -7.26 -5.68
C GLN K 6 -25.98 -6.58 -4.34
N ARG K 7 -27.03 -6.07 -3.71
CA ARG K 7 -26.88 -5.46 -2.36
CA ARG K 7 -26.91 -5.45 -2.35
C ARG K 7 -26.53 -6.43 -1.20
N LEU K 8 -27.08 -7.66 -1.27
CA LEU K 8 -26.76 -8.71 -0.31
C LEU K 8 -25.33 -9.21 -0.50
N ALA K 9 -24.91 -9.40 -1.74
CA ALA K 9 -23.54 -9.85 -1.99
C ALA K 9 -22.54 -8.81 -1.49
N ALA K 10 -22.81 -7.53 -1.76
CA ALA K 10 -21.91 -6.47 -1.29
C ALA K 10 -21.83 -6.45 0.23
N LEU K 11 -22.98 -6.56 0.90
CA LEU K 11 -22.96 -6.59 2.37
C LEU K 11 -22.17 -7.80 2.87
N ASP K 12 -22.38 -8.96 2.26
CA ASP K 12 -21.65 -10.16 2.66
C ASP K 12 -20.14 -9.95 2.56
N GLN K 13 -19.69 -9.34 1.45
CA GLN K 13 -18.26 -9.09 1.30
C GLN K 13 -17.76 -8.08 2.32
N ARG K 14 -18.52 -7.01 2.55
CA ARG K 14 -18.06 -6.04 3.54
C ARG K 14 -17.99 -6.66 4.93
N ILE K 15 -18.99 -7.45 5.29
CA ILE K 15 -19.01 -8.09 6.60
C ILE K 15 -17.88 -9.09 6.73
N ALA K 16 -17.65 -9.90 5.70
CA ALA K 16 -16.54 -10.86 5.75
C ALA K 16 -15.21 -10.14 5.95
N ALA K 17 -14.99 -9.03 5.24
CA ALA K 17 -13.76 -8.27 5.40
C ALA K 17 -13.60 -7.77 6.84
N LEU K 18 -14.68 -7.28 7.43
CA LEU K 18 -14.62 -6.83 8.82
C LEU K 18 -14.35 -8.01 9.76
N LYS K 19 -14.91 -9.19 9.46
CA LYS K 19 -14.59 -10.36 10.29
C LYS K 19 -13.10 -10.67 10.23
N GLN K 20 -12.49 -10.54 9.06
CA GLN K 20 -11.04 -10.75 8.96
C GLN K 20 -10.28 -9.75 9.81
N ARG K 21 -10.70 -8.48 9.79
CA ARG K 21 -10.09 -7.50 10.68
C ARG K 21 -10.30 -7.88 12.13
N ARG K 22 -11.51 -8.31 12.48
CA ARG K 22 -11.79 -8.67 13.87
C ARG K 22 -10.90 -9.82 14.31
N ALA K 23 -10.71 -10.82 13.46
CA ALA K 23 -9.85 -11.95 13.82
C ALA K 23 -8.43 -11.48 14.10
N ALA K 24 -7.91 -10.54 13.31
CA ALA K 24 -6.56 -10.05 13.53
C ALA K 24 -6.46 -9.31 14.85
N LEU K 25 -7.48 -8.53 15.19
CA LEU K 25 -7.44 -7.77 16.44
C LEU K 25 -7.63 -8.67 17.64
N LYS K 26 -8.53 -9.67 17.51
CA LYS K 26 -8.71 -10.62 18.61
C LYS K 26 -7.41 -11.38 18.89
N TRP K 27 -6.75 -11.87 17.83
CA TRP K 27 -5.48 -12.54 18.00
C TRP K 27 -4.45 -11.60 18.62
N GLN K 28 -4.48 -10.34 18.23
CA GLN K 28 -3.56 -9.36 18.81
C GLN K 28 -3.83 -9.13 20.29
N ILE K 29 -5.08 -9.37 20.72
CA ILE K 29 -5.40 -9.21 22.14
C ILE K 29 -4.98 -10.45 22.94
N GLN K 30 -5.02 -11.63 22.34
CA GLN K 30 -4.72 -12.87 23.06
C GLN K 30 -3.23 -13.02 23.32
N GLN L 3 -7.15 1.77 23.36
CA GLN L 3 -6.58 0.45 23.28
C GLN L 3 -7.39 -0.46 22.33
N LEU L 4 -7.11 -1.75 22.39
CA LEU L 4 -7.68 -2.67 21.42
C LEU L 4 -9.12 -3.05 21.74
N GLU L 5 -9.47 -3.07 23.04
CA GLU L 5 -10.79 -3.52 23.44
C GLU L 5 -11.90 -2.67 22.83
N GLN L 6 -11.73 -1.34 22.85
CA GLN L 6 -12.76 -0.49 22.25
C GLN L 6 -12.77 -0.61 20.74
N GLU L 7 -11.60 -0.79 20.12
CA GLU L 7 -11.56 -1.04 18.69
C GLU L 7 -12.33 -2.30 18.33
N LEU L 8 -12.13 -3.37 19.10
CA LEU L 8 -12.87 -4.60 18.86
C LEU L 8 -14.37 -4.38 19.06
N ALA L 9 -14.74 -3.69 20.13
CA ALA L 9 -16.15 -3.39 20.36
C ALA L 9 -16.71 -2.53 19.24
N ALA L 10 -15.94 -1.54 18.78
CA ALA L 10 -16.43 -0.72 17.68
C ALA L 10 -16.67 -1.56 16.43
N LEU L 11 -15.75 -2.49 16.13
CA LEU L 11 -15.93 -3.38 15.00
C LEU L 11 -17.20 -4.19 15.10
N ASP L 12 -17.44 -4.80 16.27
CA ASP L 12 -18.64 -5.63 16.45
C ASP L 12 -19.89 -4.80 16.24
N GLN L 13 -19.87 -3.53 16.69
CA GLN L 13 -21.00 -2.63 16.47
C GLN L 13 -21.25 -2.41 14.99
N GLU L 14 -20.19 -2.17 14.22
CA GLU L 14 -20.35 -1.98 12.78
C GLU L 14 -20.87 -3.25 12.12
N ILE L 15 -20.32 -4.41 12.48
CA ILE L 15 -20.81 -5.66 11.93
C ILE L 15 -22.27 -5.86 12.30
N ALA L 16 -22.62 -5.60 13.55
CA ALA L 16 -24.01 -5.74 13.96
C ALA L 16 -24.93 -4.88 13.10
N ALA L 17 -24.52 -3.63 12.84
CA ALA L 17 -25.36 -2.72 12.05
C ALA L 17 -25.51 -3.22 10.62
N LEU L 18 -24.45 -3.81 10.05
CA LEU L 18 -24.53 -4.32 8.70
C LEU L 18 -25.29 -5.63 8.64
N GLU L 19 -25.25 -6.43 9.71
CA GLU L 19 -26.03 -7.65 9.73
C GLU L 19 -27.51 -7.34 9.85
N GLN L 20 -27.87 -6.26 10.55
CA GLN L 20 -29.26 -5.84 10.60
C GLN L 20 -29.75 -5.46 9.21
N GLU L 21 -28.89 -4.76 8.44
CA GLU L 21 -29.26 -4.40 7.07
C GLU L 21 -29.43 -5.64 6.23
N ARG L 22 -28.52 -6.62 6.39
CA ARG L 22 -28.67 -7.88 5.66
C ARG L 22 -29.99 -8.55 6.01
N ALA L 23 -30.37 -8.53 7.29
CA ALA L 23 -31.59 -9.22 7.70
C ALA L 23 -32.81 -8.57 7.05
N ALA L 24 -32.86 -7.24 7.01
CA ALA L 24 -33.99 -6.56 6.40
C ALA L 24 -34.08 -6.90 4.91
N LEU L 25 -32.93 -7.04 4.24
CA LEU L 25 -32.95 -7.42 2.84
C LEU L 25 -33.35 -8.88 2.66
N GLU L 26 -32.94 -9.75 3.58
CA GLU L 26 -33.31 -11.15 3.50
C GLU L 26 -34.80 -11.37 3.73
N TRP L 27 -35.48 -10.45 4.42
CA TRP L 27 -36.93 -10.55 4.53
C TRP L 27 -37.65 -10.13 3.26
N GLN L 28 -36.92 -9.60 2.27
CA GLN L 28 -37.52 -9.18 1.01
C GLN L 28 -37.47 -10.27 -0.06
N ILE L 29 -36.86 -11.42 0.23
CA ILE L 29 -36.70 -12.48 -0.76
C ILE L 29 -37.98 -13.30 -0.84
N GLN L 30 -38.37 -13.66 -2.05
CA GLN L 30 -39.52 -14.54 -2.31
C GLN L 30 -40.70 -14.29 -1.38
N GLY M 2 -21.30 29.92 -7.97
CA GLY M 2 -20.36 31.01 -8.06
C GLY M 2 -19.32 30.79 -9.14
N GLN M 3 -18.67 31.87 -9.58
CA GLN M 3 -17.66 31.74 -10.62
C GLN M 3 -16.47 30.92 -10.13
N LEU M 4 -16.15 31.02 -8.85
CA LEU M 4 -15.06 30.22 -8.30
C LEU M 4 -15.41 28.75 -8.26
N GLU M 5 -16.68 28.41 -8.00
CA GLU M 5 -17.11 27.02 -8.04
C GLU M 5 -16.87 26.40 -9.41
N GLN M 6 -17.16 27.16 -10.48
CA GLN M 6 -17.02 26.61 -11.82
C GLN M 6 -15.57 26.55 -12.26
N GLU M 7 -14.73 27.48 -11.76
CA GLU M 7 -13.30 27.36 -12.00
C GLU M 7 -12.73 26.14 -11.30
N LEU M 8 -13.17 25.86 -10.07
CA LEU M 8 -12.76 24.64 -9.40
C LEU M 8 -13.18 23.41 -10.20
N ALA M 9 -14.41 23.38 -10.68
CA ALA M 9 -14.89 22.25 -11.45
C ALA M 9 -14.07 22.08 -12.72
N ALA M 10 -13.86 23.15 -13.46
CA ALA M 10 -13.10 23.06 -14.70
C ALA M 10 -11.68 22.57 -14.43
N LEU M 11 -11.09 23.00 -13.31
CA LEU M 11 -9.74 22.56 -12.97
C LEU M 11 -9.72 21.09 -12.59
N ASP M 12 -10.74 20.60 -11.89
CA ASP M 12 -10.80 19.19 -11.57
C ASP M 12 -10.92 18.35 -12.85
N GLN M 13 -11.69 18.84 -13.82
CA GLN M 13 -11.82 18.10 -15.07
C GLN M 13 -10.48 18.01 -15.79
N GLU M 14 -9.72 19.11 -15.83
CA GLU M 14 -8.42 19.08 -16.48
C GLU M 14 -7.47 18.11 -15.76
N ILE M 15 -7.47 18.13 -14.43
CA ILE M 15 -6.61 17.23 -13.67
C ILE M 15 -7.03 15.78 -13.91
N ALA M 16 -8.35 15.53 -14.02
CA ALA M 16 -8.82 14.17 -14.30
C ALA M 16 -8.29 13.69 -15.65
N ALA M 17 -8.38 14.54 -16.68
CA ALA M 17 -7.90 14.13 -17.99
C ALA M 17 -6.39 13.87 -17.98
N LEU M 18 -5.62 14.72 -17.30
CA LEU M 18 -4.18 14.51 -17.23
C LEU M 18 -3.85 13.27 -16.40
N GLU M 19 -4.57 13.05 -15.29
CA GLU M 19 -4.38 11.84 -14.51
C GLU M 19 -4.74 10.60 -15.32
N GLN M 20 -5.71 10.71 -16.23
CA GLN M 20 -6.04 9.59 -17.11
C GLN M 20 -4.86 9.30 -18.05
N GLU M 21 -4.24 10.34 -18.60
CA GLU M 21 -3.04 10.12 -19.41
C GLU M 21 -1.89 9.57 -18.57
N ARG M 22 -1.77 10.06 -17.33
CA ARG M 22 -0.74 9.56 -16.43
C ARG M 22 -0.91 8.06 -16.17
N ALA M 23 -2.15 7.61 -15.96
CA ALA M 23 -2.37 6.18 -15.71
C ALA M 23 -2.05 5.35 -16.93
N ALA M 24 -2.45 5.81 -18.12
CA ALA M 24 -2.17 5.09 -19.34
C ALA M 24 -0.67 4.95 -19.58
N LEU M 25 0.08 6.03 -19.40
CA LEU M 25 1.52 5.95 -19.61
C LEU M 25 2.20 5.09 -18.56
N GLU M 26 1.70 5.09 -17.32
CA GLU M 26 2.32 4.29 -16.28
C GLU M 26 2.10 2.81 -16.54
N TRP M 27 0.90 2.44 -17.02
CA TRP M 27 0.67 1.06 -17.40
C TRP M 27 1.45 0.68 -18.64
N GLN M 28 1.51 1.59 -19.62
CA GLN M 28 2.25 1.31 -20.84
C GLN M 28 3.72 1.05 -20.54
N ILE M 29 4.27 1.74 -19.53
CA ILE M 29 5.65 1.47 -19.13
C ILE M 29 5.77 0.06 -18.55
N GLN M 30 4.70 -0.47 -17.99
CA GLN M 30 4.69 -1.81 -17.42
C GLN M 30 4.29 -2.88 -18.44
N GLY M 31 4.20 -2.52 -19.71
CA GLY M 31 3.82 -3.47 -20.75
C GLY M 31 2.34 -3.81 -20.71
N GLY N 2 10.96 4.80 -24.89
CA GLY N 2 12.11 5.71 -24.72
C GLY N 2 11.70 7.07 -24.21
N GLN N 3 10.66 7.65 -24.83
CA GLN N 3 10.17 8.97 -24.48
C GLN N 3 9.06 8.93 -23.43
N LEU N 4 8.71 7.73 -22.93
CA LEU N 4 7.56 7.63 -22.03
C LEU N 4 7.87 8.21 -20.66
N LYS N 5 9.11 8.02 -20.18
CA LYS N 5 9.48 8.55 -18.87
C LYS N 5 9.56 10.07 -18.91
N GLN N 6 10.09 10.64 -19.99
CA GLN N 6 10.09 12.09 -20.14
C GLN N 6 8.67 12.63 -20.17
N ARG N 7 7.79 11.97 -20.92
CA ARG N 7 6.40 12.42 -20.98
C ARG N 7 5.71 12.27 -19.64
N LEU N 8 5.99 11.18 -18.92
CA LEU N 8 5.37 10.98 -17.61
C LEU N 8 5.85 12.05 -16.63
N ALA N 9 7.16 12.28 -16.59
CA ALA N 9 7.71 13.30 -15.69
C ALA N 9 7.12 14.66 -16.00
N ALA N 10 7.00 15.00 -17.29
CA ALA N 10 6.42 16.29 -17.64
C ALA N 10 4.96 16.36 -17.22
N LEU N 11 4.25 15.24 -17.28
CA LEU N 11 2.87 15.22 -16.77
C LEU N 11 2.84 15.40 -15.27
N ASP N 12 3.77 14.74 -14.56
CA ASP N 12 3.83 14.88 -13.10
C ASP N 12 3.97 16.35 -12.71
N GLN N 13 4.83 17.09 -13.42
CA GLN N 13 5.06 18.48 -13.08
CA GLN N 13 5.05 18.49 -13.07
C GLN N 13 3.85 19.34 -13.39
N ARG N 14 3.18 19.06 -14.52
CA ARG N 14 2.00 19.84 -14.88
C ARG N 14 0.85 19.58 -13.91
N ILE N 15 0.61 18.31 -13.58
CA ILE N 15 -0.43 17.97 -12.62
C ILE N 15 -0.12 18.58 -11.26
N ALA N 16 1.14 18.50 -10.82
CA ALA N 16 1.53 19.11 -9.56
C ALA N 16 1.20 20.59 -9.53
N ALA N 17 1.50 21.31 -10.62
CA ALA N 17 1.22 22.75 -10.66
C ALA N 17 -0.29 23.02 -10.65
N LEU N 18 -1.08 22.16 -11.31
CA LEU N 18 -2.52 22.35 -11.31
C LEU N 18 -3.13 22.10 -9.92
N LYS N 19 -2.58 21.13 -9.18
CA LYS N 19 -3.08 20.88 -7.83
C LYS N 19 -2.70 21.99 -6.86
N GLN N 20 -1.62 22.71 -7.16
CA GLN N 20 -1.30 23.89 -6.36
C GLN N 20 -2.31 25.00 -6.59
N ARG N 21 -2.68 25.24 -7.86
CA ARG N 21 -3.73 26.21 -8.15
C ARG N 21 -5.04 25.82 -7.46
N ARG N 22 -5.43 24.55 -7.57
CA ARG N 22 -6.69 24.11 -6.98
C ARG N 22 -6.69 24.35 -5.48
N ALA N 23 -5.55 24.13 -4.82
CA ALA N 23 -5.48 24.35 -3.37
C ALA N 23 -5.75 25.81 -3.03
N ALA N 24 -5.18 26.73 -3.80
CA ALA N 24 -5.35 28.19 -3.58
C ALA N 24 -6.78 28.60 -3.86
N LEU N 25 -7.45 27.95 -4.80
CA LEU N 25 -8.84 28.28 -5.17
C LEU N 25 -9.77 27.73 -4.10
N LYS N 26 -9.52 26.51 -3.63
CA LYS N 26 -10.38 25.85 -2.62
C LYS N 26 -10.25 26.64 -1.31
N TRP N 27 -9.09 27.23 -0.96
CA TRP N 27 -9.00 28.00 0.27
C TRP N 27 -9.78 29.31 0.17
N GLN N 28 -9.59 30.03 -0.94
CA GLN N 28 -10.28 31.30 -1.11
C GLN N 28 -11.79 31.15 -0.96
N ILE N 29 -12.34 30.00 -1.34
CA ILE N 29 -13.77 29.81 -1.29
C ILE N 29 -14.25 29.34 0.08
N GLN N 30 -13.39 28.67 0.84
CA GLN N 30 -13.78 28.21 2.15
C GLN N 30 -13.82 29.37 3.15
#